data_1ZEA
#
_entry.id   1ZEA
#
_cell.length_a   100.638
_cell.length_b   108.862
_cell.length_c   40.210
_cell.angle_alpha   90.00
_cell.angle_beta   90.00
_cell.angle_gamma   90.00
#
_symmetry.space_group_name_H-M   'P 21 21 2'
#
loop_
_entity.id
_entity.type
_entity.pdbx_description
1 polymer 'monoclonal anti-cholera toxin IGG1 KAPPA antibody, L chain'
2 polymer 'monoclonal anti-cholera toxin IGG1 KAPPA antibody, H chain'
3 polymer 'short synthetic D-amino acid peptide D2'
4 non-polymer 'CITRIC ACID'
5 water water
#
loop_
_entity_poly.entity_id
_entity_poly.type
_entity_poly.pdbx_seq_one_letter_code
_entity_poly.pdbx_strand_id
1 'polypeptide(L)'
;DVLMTQTPLSLPVSLGDQASISCKSSQSIVHSSGNTYFEWYLQKPGQSPKLLIYKVSNRFSGVPDRFSGSGSGTDFTLKI
SRVEAEDLGVYYCFQGSHIPFTFGSGTKLEIKRADAAPTVSIFPPSSEQLTSGGASVVCFLNNFYPKDINVKWKIDGSER
QNGVLNSWTDQDSKDSTYSMSSTLTLTKDEYERHNSYTCEATHKTSTSPIVKSFNR
;
L
2 'polypeptide(L)'
;QIQLVQSGPELKTPGETVRISCKASGYTFTTYGMSWVKQTPGKGFKWMGWINTYSGVPTYADDFKGRFAFSLETSASTAY
LQINNLKNEDTATYFCARRSWYFDVWGTGTTVTVSSAKTTPPSVYPLAPGSAAQTNSMVTLGCLVKGYFPEPVTVTWNSG
SLSSGVHTFPAVLQSDLYTLSSSVTVPSSTWPSQTVTCNVAHPASSTKVDKKIVPR
;
H
3 'polypeptide(L)' (DVA)(DPR)G(DSN)(DGN)(DHI)(DTY)(DAS)(DSN) A
#
loop_
_chem_comp.id
_chem_comp.type
_chem_comp.name
_chem_comp.formula
CIT non-polymer 'CITRIC ACID' 'C6 H8 O7'
#
# COMPACT_ATOMS: atom_id res chain seq x y z
N ASP A 1 -13.26 17.95 16.66
CA ASP A 1 -13.58 17.33 15.35
C ASP A 1 -14.59 16.21 15.52
N VAL A 2 -15.27 15.87 14.44
CA VAL A 2 -16.22 14.79 14.48
C VAL A 2 -15.42 13.51 14.34
N LEU A 3 -15.45 12.68 15.36
CA LEU A 3 -14.73 11.41 15.33
C LEU A 3 -15.59 10.39 14.61
N MET A 4 -14.95 9.64 13.71
CA MET A 4 -15.62 8.63 12.93
C MET A 4 -15.06 7.29 13.34
N THR A 5 -15.86 6.48 14.01
CA THR A 5 -15.42 5.15 14.47
C THR A 5 -15.99 4.01 13.62
N GLN A 6 -15.11 3.23 13.00
CA GLN A 6 -15.54 2.12 12.16
C GLN A 6 -15.46 0.75 12.81
N THR A 7 -16.39 -0.11 12.43
CA THR A 7 -16.40 -1.48 12.92
C THR A 7 -16.97 -2.33 11.79
N PRO A 8 -16.40 -3.53 11.58
CA PRO A 8 -15.27 -4.10 12.32
C PRO A 8 -13.95 -3.55 11.79
N LEU A 9 -12.85 -3.87 12.46
CA LEU A 9 -11.53 -3.41 12.04
C LEU A 9 -11.09 -4.28 10.86
N SER A 10 -11.35 -5.58 10.97
CA SER A 10 -11.02 -6.56 9.95
C SER A 10 -12.29 -7.34 9.73
N LEU A 11 -12.61 -7.61 8.48
CA LEU A 11 -13.85 -8.33 8.16
C LEU A 11 -13.66 -9.49 7.17
N PRO A 12 -13.50 -10.72 7.68
CA PRO A 12 -13.34 -11.83 6.74
C PRO A 12 -14.72 -12.28 6.28
N VAL A 13 -14.88 -12.44 4.97
CA VAL A 13 -16.17 -12.84 4.45
C VAL A 13 -15.93 -13.78 3.29
N SER A 14 -16.69 -14.88 3.23
CA SER A 14 -16.54 -15.82 2.14
C SER A 14 -17.12 -15.22 0.86
N LEU A 15 -16.54 -15.59 -0.28
CA LEU A 15 -17.02 -15.09 -1.56
C LEU A 15 -18.51 -15.42 -1.63
N GLY A 16 -19.31 -14.49 -2.13
CA GLY A 16 -20.75 -14.75 -2.24
C GLY A 16 -21.57 -14.33 -1.03
N ASP A 17 -20.94 -14.26 0.14
CA ASP A 17 -21.65 -13.83 1.33
C ASP A 17 -21.77 -12.30 1.34
N GLN A 18 -22.53 -11.79 2.29
CA GLN A 18 -22.73 -10.35 2.38
C GLN A 18 -21.81 -9.82 3.47
N ALA A 19 -21.25 -8.63 3.28
CA ALA A 19 -20.41 -8.05 4.31
C ALA A 19 -21.07 -6.75 4.74
N SER A 20 -21.07 -6.48 6.04
CA SER A 20 -21.65 -5.23 6.55
C SER A 20 -20.57 -4.50 7.32
N ILE A 21 -20.36 -3.24 6.96
CA ILE A 21 -19.34 -2.42 7.59
C ILE A 21 -20.05 -1.20 8.10
N SER A 22 -19.76 -0.82 9.34
CA SER A 22 -20.45 0.32 9.95
C SER A 22 -19.53 1.42 10.41
N CYS A 23 -20.13 2.58 10.65
CA CYS A 23 -19.38 3.75 11.09
C CYS A 23 -20.28 4.51 12.01
N LYS A 24 -19.71 4.97 13.13
CA LYS A 24 -20.46 5.76 14.09
C LYS A 24 -19.72 7.08 14.28
N SER A 25 -20.46 8.18 14.19
CA SER A 25 -19.82 9.52 14.35
C SER A 25 -20.06 9.99 15.76
N SER A 26 -19.14 10.79 16.26
CA SER A 26 -19.20 11.29 17.64
C SER A 26 -20.31 12.31 17.85
N GLN A 27 -20.80 12.84 16.75
CA GLN A 27 -21.90 13.78 16.75
C GLN A 27 -22.59 13.69 15.41
N SER A 28 -23.79 14.22 15.35
CA SER A 28 -24.60 14.21 14.15
C SER A 28 -23.86 14.76 12.95
N ILE A 29 -23.99 14.08 11.83
CA ILE A 29 -23.35 14.60 10.64
C ILE A 29 -24.39 15.09 9.63
N VAL A 30 -25.51 15.57 10.15
CA VAL A 30 -26.51 16.16 9.30
C VAL A 30 -25.98 17.58 9.13
N HIS A 31 -25.81 17.97 7.88
CA HIS A 31 -25.34 19.29 7.54
C HIS A 31 -26.49 20.27 7.79
N SER A 32 -26.15 21.55 8.00
CA SER A 32 -27.16 22.59 8.25
C SER A 32 -28.28 22.58 7.23
N SER A 33 -27.98 22.21 5.98
CA SER A 33 -28.98 22.15 4.90
C SER A 33 -30.02 21.07 5.08
N GLY A 34 -29.76 20.13 5.97
CA GLY A 34 -30.67 19.02 6.15
C GLY A 34 -30.13 17.78 5.43
N ASN A 35 -29.21 17.97 4.49
CA ASN A 35 -28.61 16.82 3.80
C ASN A 35 -27.56 16.20 4.71
N THR A 36 -27.16 14.95 4.41
CA THR A 36 -26.15 14.28 5.25
C THR A 36 -25.05 13.90 4.30
N TYR A 37 -23.93 14.65 4.33
CA TYR A 37 -22.82 14.42 3.41
C TYR A 37 -21.88 13.37 3.96
N PHE A 38 -22.32 12.12 3.81
CA PHE A 38 -21.62 10.95 4.31
C PHE A 38 -21.32 10.07 3.12
N GLU A 39 -20.08 9.61 3.03
CA GLU A 39 -19.68 8.77 1.91
C GLU A 39 -18.87 7.56 2.35
N TRP A 40 -18.85 6.55 1.48
CA TRP A 40 -18.02 5.35 1.69
C TRP A 40 -17.04 5.32 0.52
N TYR A 41 -15.77 5.10 0.85
CA TYR A 41 -14.68 5.00 -0.13
C TYR A 41 -14.02 3.65 0.09
N LEU A 42 -13.41 3.15 -0.97
CA LEU A 42 -12.68 1.90 -0.90
C LEU A 42 -11.29 2.23 -1.40
N GLN A 43 -10.25 1.81 -0.67
CA GLN A 43 -8.90 1.99 -1.17
C GLN A 43 -8.23 0.61 -1.22
N LYS A 44 -7.68 0.27 -2.38
CA LYS A 44 -6.96 -0.99 -2.55
C LYS A 44 -5.49 -0.66 -2.29
N PRO A 45 -4.67 -1.68 -1.93
CA PRO A 45 -3.25 -1.39 -1.67
C PRO A 45 -2.59 -0.73 -2.86
N GLY A 46 -1.79 0.29 -2.58
CA GLY A 46 -1.09 1.01 -3.62
C GLY A 46 -2.01 1.67 -4.64
N GLN A 47 -3.19 2.09 -4.22
CA GLN A 47 -4.10 2.75 -5.16
C GLN A 47 -4.76 3.92 -4.51
N SER A 48 -5.31 4.82 -5.33
CA SER A 48 -6.00 5.99 -4.80
C SER A 48 -7.41 5.53 -4.42
N PRO A 49 -8.04 6.22 -3.48
CA PRO A 49 -9.39 5.79 -3.12
C PRO A 49 -10.39 5.94 -4.27
N LYS A 50 -11.50 5.22 -4.16
CA LYS A 50 -12.60 5.26 -5.13
C LYS A 50 -13.91 5.49 -4.37
N LEU A 51 -14.75 6.38 -4.88
CA LEU A 51 -16.06 6.67 -4.27
C LEU A 51 -17.03 5.52 -4.53
N LEU A 52 -17.80 5.13 -3.50
CA LEU A 52 -18.77 4.07 -3.63
C LEU A 52 -20.18 4.60 -3.42
N ILE A 53 -20.37 5.26 -2.29
CA ILE A 53 -21.69 5.73 -1.87
C ILE A 53 -21.58 7.17 -1.40
N TYR A 54 -22.56 8.00 -1.75
CA TYR A 54 -22.53 9.38 -1.28
C TYR A 54 -23.91 9.71 -0.73
N LYS A 55 -23.97 10.80 0.04
CA LYS A 55 -25.21 11.17 0.68
C LYS A 55 -25.89 9.94 1.27
N VAL A 56 -25.10 9.20 2.08
CA VAL A 56 -25.52 8.03 2.84
C VAL A 56 -25.90 6.78 2.07
N SER A 57 -26.76 6.93 1.06
CA SER A 57 -27.27 5.75 0.36
C SER A 57 -27.29 5.81 -1.16
N ASN A 58 -26.63 6.79 -1.75
CA ASN A 58 -26.66 6.89 -3.20
C ASN A 58 -25.44 6.29 -3.83
N ARG A 59 -25.67 5.33 -4.72
CA ARG A 59 -24.56 4.66 -5.40
C ARG A 59 -23.99 5.59 -6.45
N PHE A 60 -22.67 5.72 -6.45
CA PHE A 60 -22.04 6.58 -7.43
C PHE A 60 -22.03 5.87 -8.78
N SER A 61 -22.07 6.66 -9.85
CA SER A 61 -22.05 6.11 -11.19
C SER A 61 -20.98 5.05 -11.33
N GLY A 62 -21.36 3.92 -11.91
CA GLY A 62 -20.40 2.85 -12.12
C GLY A 62 -20.24 1.88 -10.97
N VAL A 63 -20.87 2.18 -9.84
CA VAL A 63 -20.79 1.27 -8.70
C VAL A 63 -21.83 0.14 -8.78
N PRO A 64 -21.37 -1.11 -8.63
CA PRO A 64 -22.24 -2.30 -8.66
C PRO A 64 -23.38 -2.15 -7.63
N ASP A 65 -24.58 -2.63 -7.97
CA ASP A 65 -25.71 -2.55 -7.07
C ASP A 65 -25.54 -3.41 -5.83
N ARG A 66 -24.48 -4.22 -5.80
CA ARG A 66 -24.21 -5.06 -4.64
C ARG A 66 -23.85 -4.18 -3.47
N PHE A 67 -23.51 -2.92 -3.77
CA PHE A 67 -23.15 -1.99 -2.72
C PHE A 67 -24.32 -1.12 -2.37
N SER A 68 -24.59 -1.00 -1.08
CA SER A 68 -25.68 -0.13 -0.70
C SER A 68 -25.36 0.46 0.67
N GLY A 69 -25.96 1.60 0.97
CA GLY A 69 -25.68 2.24 2.24
C GLY A 69 -26.97 2.66 2.89
N SER A 70 -26.92 2.75 4.21
CA SER A 70 -28.11 3.11 4.96
C SER A 70 -27.65 3.73 6.27
N GLY A 71 -28.62 4.21 7.05
CA GLY A 71 -28.31 4.81 8.32
C GLY A 71 -28.75 6.26 8.38
N SER A 72 -28.55 6.86 9.54
CA SER A 72 -28.92 8.28 9.69
C SER A 72 -28.32 8.86 10.96
N GLY A 73 -28.06 10.16 10.93
CA GLY A 73 -27.56 10.88 12.08
C GLY A 73 -26.12 10.61 12.49
N THR A 74 -25.90 9.51 13.21
CA THR A 74 -24.59 9.16 13.69
C THR A 74 -24.19 7.74 13.38
N ASP A 75 -25.09 6.95 12.81
CA ASP A 75 -24.77 5.55 12.54
C ASP A 75 -25.10 5.16 11.13
N PHE A 76 -24.10 4.61 10.45
CA PHE A 76 -24.21 4.23 9.05
C PHE A 76 -23.60 2.87 8.77
N THR A 77 -24.12 2.21 7.75
CA THR A 77 -23.64 0.88 7.39
C THR A 77 -23.60 0.74 5.88
N LEU A 78 -22.50 0.20 5.39
CA LEU A 78 -22.32 -0.09 3.98
C LEU A 78 -22.56 -1.61 3.92
N LYS A 79 -23.32 -2.05 2.94
CA LYS A 79 -23.58 -3.47 2.79
C LYS A 79 -23.09 -3.89 1.43
N ILE A 80 -22.29 -4.94 1.41
CA ILE A 80 -21.80 -5.45 0.14
C ILE A 80 -22.34 -6.88 0.02
N SER A 81 -23.29 -7.07 -0.91
CA SER A 81 -23.88 -8.38 -1.08
C SER A 81 -23.06 -9.14 -2.13
N ARG A 82 -23.13 -10.46 -2.10
CA ARG A 82 -22.40 -11.25 -3.08
C ARG A 82 -20.98 -10.76 -3.25
N VAL A 83 -20.22 -10.80 -2.17
CA VAL A 83 -18.83 -10.36 -2.18
C VAL A 83 -18.00 -11.06 -3.25
N GLU A 84 -17.28 -10.26 -4.04
CA GLU A 84 -16.41 -10.79 -5.08
C GLU A 84 -14.96 -10.54 -4.69
N ALA A 85 -14.06 -11.24 -5.37
CA ALA A 85 -12.64 -11.12 -5.08
C ALA A 85 -12.11 -9.68 -5.17
N GLU A 86 -12.55 -8.94 -6.17
CA GLU A 86 -12.07 -7.57 -6.37
C GLU A 86 -12.61 -6.56 -5.36
N ASP A 87 -13.41 -7.03 -4.40
CA ASP A 87 -13.96 -6.15 -3.37
C ASP A 87 -12.94 -5.97 -2.25
N LEU A 88 -11.84 -6.71 -2.36
CA LEU A 88 -10.76 -6.69 -1.39
C LEU A 88 -10.21 -5.26 -1.20
N GLY A 89 -9.96 -4.88 0.05
CA GLY A 89 -9.40 -3.56 0.26
C GLY A 89 -9.82 -2.99 1.59
N VAL A 90 -9.55 -1.70 1.79
CA VAL A 90 -9.92 -1.04 3.02
C VAL A 90 -11.02 -0.03 2.70
N TYR A 91 -12.12 -0.17 3.42
CA TYR A 91 -13.26 0.69 3.26
C TYR A 91 -13.20 1.77 4.32
N TYR A 92 -13.45 3.02 3.91
CA TYR A 92 -13.42 4.12 4.84
C TYR A 92 -14.71 4.90 4.76
N CYS A 93 -15.22 5.32 5.91
CA CYS A 93 -16.38 6.20 5.87
C CYS A 93 -15.78 7.62 5.95
N PHE A 94 -16.59 8.62 5.66
CA PHE A 94 -16.13 9.99 5.64
C PHE A 94 -17.34 10.89 5.83
N GLN A 95 -17.15 11.99 6.55
CA GLN A 95 -18.23 12.97 6.70
C GLN A 95 -17.76 14.34 6.15
N GLY A 96 -18.58 14.90 5.28
CA GLY A 96 -18.29 16.21 4.68
C GLY A 96 -19.30 17.25 5.13
N SER A 97 -19.90 17.03 6.29
CA SER A 97 -20.89 17.96 6.84
C SER A 97 -20.37 19.03 7.77
N HIS A 98 -19.33 18.70 8.54
CA HIS A 98 -18.77 19.67 9.48
C HIS A 98 -17.28 19.81 9.26
N ILE A 99 -16.79 21.05 9.23
CA ILE A 99 -15.35 21.33 9.08
C ILE A 99 -14.69 21.11 10.45
N PRO A 100 -13.57 20.37 10.51
CA PRO A 100 -12.87 19.74 9.38
C PRO A 100 -13.51 18.43 8.94
N PHE A 101 -13.54 18.15 7.64
CA PHE A 101 -14.11 16.88 7.21
C PHE A 101 -13.24 15.82 7.84
N THR A 102 -13.82 14.65 8.14
CA THR A 102 -13.07 13.58 8.81
C THR A 102 -13.39 12.20 8.25
N PHE A 103 -12.41 11.31 8.37
CA PHE A 103 -12.51 9.93 7.90
C PHE A 103 -12.51 8.94 9.06
N GLY A 104 -13.12 7.78 8.81
CA GLY A 104 -13.11 6.69 9.78
C GLY A 104 -11.74 6.07 9.61
N SER A 105 -11.32 5.17 10.51
CA SER A 105 -10.01 4.54 10.45
C SER A 105 -9.86 3.41 9.45
N GLY A 106 -10.96 3.03 8.81
CA GLY A 106 -10.92 1.98 7.81
C GLY A 106 -11.28 0.59 8.33
N THR A 107 -11.86 -0.21 7.45
CA THR A 107 -12.22 -1.59 7.75
C THR A 107 -11.60 -2.39 6.62
N LYS A 108 -10.73 -3.36 6.96
CA LYS A 108 -10.12 -4.17 5.90
C LYS A 108 -10.96 -5.39 5.61
N LEU A 109 -11.41 -5.49 4.36
CA LEU A 109 -12.25 -6.57 3.92
C LEU A 109 -11.36 -7.71 3.48
N GLU A 110 -11.34 -8.79 4.28
CA GLU A 110 -10.54 -9.99 4.00
C GLU A 110 -11.45 -11.02 3.34
N ILE A 111 -11.05 -11.52 2.18
CA ILE A 111 -11.86 -12.50 1.47
C ILE A 111 -11.53 -13.96 1.84
N LYS A 112 -12.54 -14.74 2.23
CA LYS A 112 -12.34 -16.14 2.62
C LYS A 112 -12.57 -17.02 1.39
N ARG A 113 -11.52 -17.73 0.98
CA ARG A 113 -11.61 -18.59 -0.20
C ARG A 113 -11.23 -20.02 0.21
N ALA A 114 -11.17 -20.90 -0.78
CA ALA A 114 -10.83 -22.32 -0.56
C ALA A 114 -9.40 -22.42 -0.07
N ASP A 115 -9.15 -23.34 0.86
CA ASP A 115 -7.79 -23.49 1.36
C ASP A 115 -6.87 -23.82 0.19
N ALA A 116 -5.63 -23.33 0.28
CA ALA A 116 -4.65 -23.58 -0.75
C ALA A 116 -3.31 -23.75 -0.10
N ALA A 117 -2.61 -24.80 -0.52
CA ALA A 117 -1.29 -25.08 0.04
C ALA A 117 -0.26 -24.13 -0.53
N PRO A 118 0.72 -23.71 0.29
CA PRO A 118 1.73 -22.80 -0.26
C PRO A 118 2.70 -23.50 -1.19
N THR A 119 3.22 -22.77 -2.17
CA THR A 119 4.26 -23.26 -3.08
C THR A 119 5.52 -22.71 -2.42
N VAL A 120 6.38 -23.59 -1.94
CA VAL A 120 7.55 -23.13 -1.19
C VAL A 120 8.83 -23.27 -1.99
N SER A 121 9.66 -22.23 -1.95
CA SER A 121 10.93 -22.25 -2.68
C SER A 121 12.01 -21.68 -1.77
N ILE A 122 13.18 -22.30 -1.76
CA ILE A 122 14.27 -21.84 -0.91
C ILE A 122 15.46 -21.44 -1.77
N PHE A 123 16.17 -20.40 -1.34
CA PHE A 123 17.30 -19.89 -2.08
C PHE A 123 18.49 -19.63 -1.19
N PRO A 124 19.70 -20.01 -1.64
CA PRO A 124 20.91 -19.80 -0.86
C PRO A 124 21.46 -18.37 -1.06
N PRO A 125 22.47 -18.00 -0.26
CA PRO A 125 23.12 -16.72 -0.32
C PRO A 125 23.84 -16.55 -1.64
N SER A 126 23.78 -15.33 -2.17
CA SER A 126 24.46 -14.98 -3.40
C SER A 126 25.95 -14.75 -3.11
N SER A 127 26.76 -14.85 -4.14
CA SER A 127 28.18 -14.61 -3.95
C SER A 127 28.38 -13.17 -3.53
N GLU A 128 27.59 -12.24 -4.05
CA GLU A 128 27.79 -10.83 -3.68
C GLU A 128 27.60 -10.65 -2.19
N GLN A 129 26.54 -11.23 -1.64
CA GLN A 129 26.35 -11.10 -0.21
C GLN A 129 27.47 -11.73 0.60
N LEU A 130 27.92 -12.91 0.20
CA LEU A 130 28.98 -13.62 0.93
C LEU A 130 30.25 -12.77 0.94
N THR A 131 30.51 -12.10 -0.17
CA THR A 131 31.69 -11.24 -0.23
C THR A 131 31.64 -10.15 0.81
N SER A 132 30.44 -9.65 1.12
CA SER A 132 30.25 -8.57 2.11
C SER A 132 30.26 -9.11 3.54
N GLY A 133 30.35 -10.43 3.68
CA GLY A 133 30.38 -11.06 5.00
C GLY A 133 29.07 -11.53 5.60
N GLY A 134 28.00 -11.55 4.79
CA GLY A 134 26.70 -11.98 5.28
C GLY A 134 26.21 -13.16 4.48
N ALA A 135 25.13 -13.80 4.95
CA ALA A 135 24.63 -14.97 4.25
C ALA A 135 23.17 -15.13 4.61
N SER A 136 22.30 -14.80 3.66
CA SER A 136 20.85 -14.92 3.85
C SER A 136 20.33 -16.11 3.05
N VAL A 137 19.47 -16.92 3.69
CA VAL A 137 18.82 -18.05 3.00
C VAL A 137 17.36 -17.58 2.92
N VAL A 138 16.79 -17.56 1.71
CA VAL A 138 15.42 -17.06 1.58
C VAL A 138 14.41 -18.15 1.25
N CYS A 139 13.26 -18.04 1.86
CA CYS A 139 12.20 -18.98 1.63
C CYS A 139 10.93 -18.23 1.27
N PHE A 140 10.36 -18.49 0.09
CA PHE A 140 9.11 -17.84 -0.30
C PHE A 140 8.06 -18.93 -0.11
N LEU A 141 6.91 -18.57 0.45
CA LEU A 141 5.81 -19.49 0.65
C LEU A 141 4.70 -18.73 -0.06
N ASN A 142 4.41 -19.15 -1.29
CA ASN A 142 3.49 -18.41 -2.11
C ASN A 142 2.11 -18.96 -2.37
N ASN A 143 1.18 -18.02 -2.55
CA ASN A 143 -0.23 -18.29 -2.87
C ASN A 143 -0.92 -19.34 -2.01
N PHE A 144 -1.02 -19.08 -0.71
CA PHE A 144 -1.67 -20.00 0.18
C PHE A 144 -2.86 -19.35 0.86
N TYR A 145 -3.69 -20.18 1.49
CA TYR A 145 -4.85 -19.71 2.22
C TYR A 145 -5.26 -20.89 3.07
N PRO A 146 -5.60 -20.64 4.34
CA PRO A 146 -5.67 -19.37 5.07
C PRO A 146 -4.31 -18.71 5.34
N LYS A 147 -4.36 -17.45 5.76
CA LYS A 147 -3.15 -16.67 6.02
C LYS A 147 -2.28 -17.28 7.12
N ASP A 148 -2.91 -18.01 8.05
CA ASP A 148 -2.21 -18.64 9.18
C ASP A 148 -1.17 -19.68 8.80
N ILE A 149 0.08 -19.38 9.09
CA ILE A 149 1.15 -20.30 8.74
C ILE A 149 2.32 -20.12 9.69
N ASN A 150 3.00 -21.21 10.02
CA ASN A 150 4.18 -21.13 10.90
C ASN A 150 5.37 -21.60 10.11
N VAL A 151 6.44 -20.81 10.10
CA VAL A 151 7.66 -21.21 9.42
C VAL A 151 8.75 -21.45 10.46
N LYS A 152 9.41 -22.59 10.37
CA LYS A 152 10.47 -22.90 11.32
C LYS A 152 11.77 -23.08 10.49
N TRP A 153 12.86 -22.54 10.97
CA TRP A 153 14.09 -22.73 10.25
C TRP A 153 14.91 -23.74 11.03
N LYS A 154 15.68 -24.56 10.34
CA LYS A 154 16.57 -25.52 11.01
C LYS A 154 17.94 -25.44 10.36
N ILE A 155 18.98 -25.58 11.16
CA ILE A 155 20.34 -25.57 10.65
C ILE A 155 20.89 -26.90 11.13
N ASP A 156 21.27 -27.73 10.17
CA ASP A 156 21.78 -29.06 10.46
C ASP A 156 20.85 -29.81 11.41
N GLY A 157 19.54 -29.63 11.18
CA GLY A 157 18.55 -30.32 11.98
C GLY A 157 18.10 -29.64 13.26
N SER A 158 18.83 -28.62 13.69
CA SER A 158 18.50 -27.89 14.94
C SER A 158 17.70 -26.62 14.65
N GLU A 159 16.61 -26.45 15.39
CA GLU A 159 15.78 -25.27 15.21
C GLU A 159 16.59 -24.01 15.44
N ARG A 160 16.40 -23.02 14.58
CA ARG A 160 17.13 -21.77 14.68
C ARG A 160 16.13 -20.61 14.73
N GLN A 161 16.26 -19.72 15.70
CA GLN A 161 15.31 -18.61 15.76
C GLN A 161 15.85 -17.20 15.59
N ASN A 162 17.08 -16.94 16.00
CA ASN A 162 17.64 -15.61 15.80
C ASN A 162 18.00 -15.39 14.34
N GLY A 163 17.77 -14.16 13.85
CA GLY A 163 18.14 -13.82 12.48
C GLY A 163 17.10 -14.09 11.42
N VAL A 164 15.87 -14.33 11.85
CA VAL A 164 14.78 -14.59 10.91
C VAL A 164 13.93 -13.36 10.70
N LEU A 165 13.68 -13.02 9.45
CA LEU A 165 12.85 -11.86 9.13
C LEU A 165 11.73 -12.31 8.22
N ASN A 166 10.49 -12.14 8.68
CA ASN A 166 9.33 -12.53 7.89
C ASN A 166 8.57 -11.34 7.37
N SER A 167 7.98 -11.51 6.21
CA SER A 167 7.18 -10.44 5.65
C SER A 167 6.04 -11.07 4.85
N TRP A 168 4.87 -10.45 4.88
CA TRP A 168 3.72 -11.02 4.17
C TRP A 168 3.11 -9.99 3.22
N THR A 169 2.59 -10.46 2.09
CA THR A 169 1.97 -9.55 1.12
C THR A 169 0.49 -9.39 1.49
N ASP A 170 -0.14 -8.35 0.95
CA ASP A 170 -1.57 -8.16 1.22
C ASP A 170 -2.25 -9.25 0.40
N GLN A 171 -3.49 -9.58 0.76
CA GLN A 171 -4.20 -10.60 0.01
C GLN A 171 -4.22 -10.27 -1.49
N ASP A 172 -4.10 -11.28 -2.34
CA ASP A 172 -4.11 -11.06 -3.79
C ASP A 172 -5.51 -10.73 -4.34
N SER A 173 -5.61 -9.65 -5.10
CA SER A 173 -6.88 -9.22 -5.65
C SER A 173 -7.44 -10.17 -6.70
N LYS A 174 -6.60 -11.04 -7.22
CA LYS A 174 -7.05 -11.99 -8.24
C LYS A 174 -7.48 -13.33 -7.64
N ASP A 175 -6.56 -14.00 -6.96
CA ASP A 175 -6.89 -15.30 -6.42
C ASP A 175 -7.16 -15.34 -4.92
N SER A 176 -7.16 -14.16 -4.27
CA SER A 176 -7.41 -14.05 -2.84
C SER A 176 -6.45 -14.84 -1.94
N THR A 177 -5.25 -15.13 -2.43
CA THR A 177 -4.34 -15.87 -1.57
C THR A 177 -3.37 -14.90 -0.90
N TYR A 178 -2.55 -15.45 -0.01
CA TYR A 178 -1.49 -14.69 0.68
C TYR A 178 -0.15 -15.32 0.29
N SER A 179 0.92 -14.57 0.48
CA SER A 179 2.28 -15.06 0.21
C SER A 179 3.13 -14.52 1.36
N MET A 180 4.25 -15.20 1.61
CA MET A 180 5.13 -14.87 2.72
C MET A 180 6.58 -15.07 2.32
N SER A 181 7.48 -14.22 2.83
CA SER A 181 8.92 -14.36 2.59
C SER A 181 9.50 -14.51 3.99
N SER A 182 10.37 -15.50 4.19
CA SER A 182 11.00 -15.69 5.49
C SER A 182 12.49 -15.75 5.14
N THR A 183 13.28 -14.87 5.73
CA THR A 183 14.71 -14.82 5.42
C THR A 183 15.53 -15.06 6.69
N LEU A 184 16.46 -15.99 6.61
CA LEU A 184 17.33 -16.33 7.73
C LEU A 184 18.66 -15.72 7.36
N THR A 185 19.12 -14.74 8.12
CA THR A 185 20.38 -14.09 7.82
C THR A 185 21.43 -14.38 8.90
N LEU A 186 22.52 -15.01 8.47
CA LEU A 186 23.65 -15.34 9.33
C LEU A 186 24.85 -14.56 8.83
N THR A 187 25.94 -14.63 9.57
CA THR A 187 27.16 -14.01 9.06
C THR A 187 27.72 -15.13 8.18
N LYS A 188 28.60 -14.77 7.24
CA LYS A 188 29.26 -15.74 6.40
C LYS A 188 29.99 -16.77 7.28
N ASP A 189 30.65 -16.27 8.33
CA ASP A 189 31.42 -17.10 9.26
C ASP A 189 30.54 -18.26 9.77
N GLU A 190 29.37 -17.92 10.31
CA GLU A 190 28.50 -18.95 10.83
C GLU A 190 27.88 -19.81 9.72
N TYR A 191 27.50 -19.18 8.61
CA TYR A 191 26.91 -19.93 7.51
C TYR A 191 27.85 -21.02 7.00
N GLU A 192 29.14 -20.70 6.98
CA GLU A 192 30.13 -21.63 6.48
C GLU A 192 30.48 -22.75 7.45
N ARG A 193 29.92 -22.73 8.65
CA ARG A 193 30.21 -23.78 9.61
C ARG A 193 29.13 -24.84 9.65
N HIS A 194 28.08 -24.64 8.84
CA HIS A 194 26.98 -25.58 8.77
C HIS A 194 26.70 -26.08 7.38
N ASN A 195 25.91 -27.15 7.31
CA ASN A 195 25.65 -27.80 6.02
C ASN A 195 24.26 -27.66 5.43
N SER A 196 23.26 -28.04 6.22
CA SER A 196 21.88 -28.02 5.77
C SER A 196 21.03 -26.92 6.38
N TYR A 197 20.32 -26.21 5.50
CA TYR A 197 19.45 -25.11 5.89
C TYR A 197 18.07 -25.46 5.45
N THR A 198 17.15 -25.51 6.40
CA THR A 198 15.81 -25.91 6.06
C THR A 198 14.76 -24.91 6.50
N CYS A 199 13.77 -24.75 5.64
CA CYS A 199 12.61 -23.89 5.86
C CYS A 199 11.43 -24.87 5.98
N GLU A 200 10.74 -24.95 7.12
CA GLU A 200 9.58 -25.84 7.12
C GLU A 200 8.32 -25.12 7.58
N ALA A 201 7.27 -25.31 6.80
CA ALA A 201 6.01 -24.63 7.03
C ALA A 201 4.89 -25.54 7.48
N THR A 202 4.22 -25.09 8.52
CA THR A 202 3.09 -25.78 9.09
C THR A 202 1.88 -25.01 8.59
N HIS A 203 0.98 -25.69 7.88
CA HIS A 203 -0.22 -25.06 7.33
C HIS A 203 -1.35 -26.11 7.40
N LYS A 204 -2.59 -25.67 7.58
CA LYS A 204 -3.68 -26.64 7.70
C LYS A 204 -3.89 -27.54 6.49
N THR A 205 -3.34 -27.14 5.35
CA THR A 205 -3.49 -27.91 4.15
C THR A 205 -2.63 -29.15 4.14
N SER A 206 -1.77 -29.28 5.15
CA SER A 206 -0.91 -30.45 5.23
C SER A 206 -0.84 -30.95 6.66
N THR A 207 -1.10 -32.24 6.83
CA THR A 207 -1.03 -32.88 8.14
C THR A 207 0.39 -32.67 8.70
N SER A 208 1.37 -32.85 7.84
CA SER A 208 2.75 -32.63 8.25
C SER A 208 3.42 -31.46 7.51
N PRO A 209 4.47 -30.88 8.10
CA PRO A 209 5.17 -29.75 7.48
C PRO A 209 5.70 -29.87 6.06
N ILE A 210 5.61 -28.77 5.32
CA ILE A 210 6.14 -28.75 3.98
C ILE A 210 7.59 -28.34 4.25
N VAL A 211 8.51 -29.14 3.75
CA VAL A 211 9.92 -28.94 3.98
C VAL A 211 10.70 -28.66 2.72
N LYS A 212 11.48 -27.58 2.71
CA LYS A 212 12.34 -27.26 1.59
C LYS A 212 13.73 -27.02 2.19
N SER A 213 14.76 -27.51 1.55
CA SER A 213 16.07 -27.33 2.13
C SER A 213 17.14 -27.05 1.11
N PHE A 214 18.22 -26.44 1.57
CA PHE A 214 19.36 -26.11 0.73
C PHE A 214 20.58 -26.61 1.49
N ASN A 215 21.46 -27.36 0.81
CA ASN A 215 22.69 -27.84 1.43
C ASN A 215 23.89 -27.10 0.82
N ARG A 216 24.78 -26.58 1.66
CA ARG A 216 25.97 -25.87 1.14
C ARG A 216 26.83 -26.85 0.36
N GLN B 1 -11.83 10.24 -19.01
CA GLN B 1 -10.72 11.17 -19.38
C GLN B 1 -10.48 12.22 -18.29
N ILE B 2 -11.30 12.22 -17.25
CA ILE B 2 -11.09 13.18 -16.16
C ILE B 2 -10.01 12.60 -15.24
N GLN B 3 -8.96 13.39 -14.99
CA GLN B 3 -7.88 12.90 -14.16
C GLN B 3 -7.26 14.01 -13.37
N LEU B 4 -6.71 13.63 -12.21
CA LEU B 4 -5.97 14.58 -11.37
C LEU B 4 -4.59 13.92 -11.27
N VAL B 5 -3.62 14.49 -11.95
CA VAL B 5 -2.26 13.94 -11.96
C VAL B 5 -1.34 14.72 -11.06
N GLN B 6 -0.77 14.06 -10.05
CA GLN B 6 0.12 14.75 -9.12
C GLN B 6 1.60 14.54 -9.40
N SER B 7 2.39 15.47 -8.88
CA SER B 7 3.83 15.41 -9.05
C SER B 7 4.46 14.21 -8.36
N GLY B 8 5.70 13.91 -8.75
CA GLY B 8 6.41 12.75 -8.22
C GLY B 8 6.83 12.80 -6.77
N PRO B 9 7.30 11.67 -6.25
CA PRO B 9 7.74 11.53 -4.86
C PRO B 9 8.89 12.46 -4.52
N GLU B 10 8.92 12.94 -3.27
CA GLU B 10 9.99 13.83 -2.83
C GLU B 10 10.64 13.29 -1.56
N LEU B 11 11.92 13.63 -1.38
CA LEU B 11 12.64 13.28 -0.15
C LEU B 11 13.25 14.61 0.27
N LYS B 12 12.97 15.01 1.50
CA LYS B 12 13.46 16.27 2.06
C LYS B 12 13.99 16.01 3.46
N THR B 13 14.76 16.96 3.99
CA THR B 13 15.25 16.86 5.36
C THR B 13 14.43 17.91 6.11
N PRO B 14 14.33 17.76 7.43
CA PRO B 14 13.58 18.72 8.26
C PRO B 14 14.03 20.14 8.04
N GLY B 15 13.07 21.07 8.00
CA GLY B 15 13.39 22.47 7.79
C GLY B 15 13.32 22.93 6.33
N GLU B 16 13.27 21.97 5.41
CA GLU B 16 13.20 22.34 4.00
C GLU B 16 11.78 22.61 3.58
N THR B 17 11.61 23.02 2.33
CA THR B 17 10.30 23.30 1.79
C THR B 17 10.01 22.39 0.60
N VAL B 18 8.75 22.05 0.38
CA VAL B 18 8.41 21.23 -0.78
C VAL B 18 7.14 21.77 -1.42
N ARG B 19 7.00 21.61 -2.72
CA ARG B 19 5.78 22.05 -3.37
C ARG B 19 5.30 20.96 -4.29
N ILE B 20 4.07 20.52 -4.05
CA ILE B 20 3.44 19.43 -4.79
C ILE B 20 2.40 19.97 -5.72
N SER B 21 2.26 19.37 -6.89
CA SER B 21 1.26 19.86 -7.84
C SER B 21 0.21 18.79 -8.12
N CYS B 22 -0.94 19.26 -8.59
CA CYS B 22 -2.08 18.40 -8.88
C CYS B 22 -2.74 19.04 -10.10
N LYS B 23 -2.57 18.40 -11.25
CA LYS B 23 -3.09 18.92 -12.51
C LYS B 23 -4.33 18.19 -12.99
N ALA B 24 -5.40 18.93 -13.21
CA ALA B 24 -6.66 18.36 -13.67
C ALA B 24 -6.74 18.38 -15.19
N SER B 25 -7.33 17.34 -15.71
CA SER B 25 -7.54 17.29 -17.14
C SER B 25 -8.92 16.70 -17.35
N GLY B 26 -9.54 17.04 -18.48
CA GLY B 26 -10.84 16.47 -18.78
C GLY B 26 -12.02 17.25 -18.29
N TYR B 27 -11.80 18.31 -17.53
CA TYR B 27 -12.92 19.11 -17.03
C TYR B 27 -12.40 20.50 -16.69
N THR B 28 -13.33 21.44 -16.55
CA THR B 28 -12.96 22.82 -16.23
C THR B 28 -12.57 22.90 -14.76
N PHE B 29 -11.28 23.14 -14.55
CA PHE B 29 -10.66 23.19 -13.23
C PHE B 29 -11.40 24.05 -12.20
N THR B 30 -11.86 25.20 -12.67
CA THR B 30 -12.51 26.17 -11.78
C THR B 30 -13.93 25.79 -11.39
N THR B 31 -14.42 24.62 -11.81
CA THR B 31 -15.80 24.26 -11.45
C THR B 31 -15.93 23.30 -10.27
N TYR B 32 -14.80 22.87 -9.69
CA TYR B 32 -14.87 21.98 -8.53
C TYR B 32 -13.84 22.43 -7.51
N GLY B 33 -14.24 22.46 -6.23
CA GLY B 33 -13.32 22.80 -5.17
C GLY B 33 -12.28 21.68 -5.07
N MET B 34 -11.06 22.01 -4.66
CA MET B 34 -10.01 20.99 -4.58
C MET B 34 -9.57 20.85 -3.15
N SER B 35 -9.67 19.62 -2.60
CA SER B 35 -9.23 19.34 -1.23
C SER B 35 -7.84 18.67 -1.25
N TRP B 36 -7.16 18.72 -0.11
CA TRP B 36 -5.87 18.07 0.03
C TRP B 36 -6.04 17.15 1.23
N VAL B 37 -5.58 15.90 1.08
CA VAL B 37 -5.77 14.89 2.15
C VAL B 37 -4.42 14.21 2.37
N LYS B 38 -4.07 14.08 3.64
CA LYS B 38 -2.80 13.48 4.04
C LYS B 38 -3.04 12.06 4.47
N GLN B 39 -2.25 11.11 3.96
CA GLN B 39 -2.43 9.76 4.42
C GLN B 39 -1.12 9.20 5.01
N THR B 40 -1.22 8.61 6.20
CA THR B 40 -0.06 8.00 6.84
C THR B 40 -0.46 6.62 7.33
N PRO B 41 0.51 5.71 7.39
CA PRO B 41 0.21 4.35 7.84
C PRO B 41 -0.25 4.24 9.29
N GLY B 42 0.11 5.22 10.11
CA GLY B 42 -0.28 5.17 11.50
C GLY B 42 -1.29 6.18 11.99
N LYS B 43 -2.10 6.71 11.09
CA LYS B 43 -3.12 7.70 11.47
C LYS B 43 -4.25 7.69 10.44
N GLY B 44 -3.98 7.12 9.27
CA GLY B 44 -5.00 7.10 8.24
C GLY B 44 -5.09 8.41 7.44
N PHE B 45 -6.32 8.74 7.03
CA PHE B 45 -6.58 9.94 6.22
C PHE B 45 -6.94 11.13 7.08
N LYS B 46 -6.31 12.26 6.76
CA LYS B 46 -6.56 13.51 7.44
C LYS B 46 -6.81 14.59 6.38
N TRP B 47 -7.97 15.20 6.43
CA TRP B 47 -8.34 16.25 5.49
C TRP B 47 -7.61 17.50 5.93
N MET B 48 -6.82 18.09 5.05
CA MET B 48 -6.02 19.27 5.38
C MET B 48 -6.71 20.58 5.13
N GLY B 49 -7.69 20.55 4.25
CA GLY B 49 -8.39 21.78 3.90
C GLY B 49 -8.69 21.74 2.43
N TRP B 50 -9.07 22.87 1.84
CA TRP B 50 -9.42 22.87 0.42
C TRP B 50 -9.24 24.25 -0.13
N ILE B 51 -9.32 24.35 -1.47
CA ILE B 51 -9.23 25.67 -2.06
C ILE B 51 -10.35 25.81 -3.08
N ASN B 52 -11.06 26.94 -2.99
CA ASN B 52 -12.12 27.21 -3.94
C ASN B 52 -11.41 27.62 -5.25
N THR B 53 -11.62 26.84 -6.29
CA THR B 53 -10.90 27.07 -7.55
C THR B 53 -11.44 28.19 -8.41
N TYR B 54 -12.59 28.73 -8.03
CA TYR B 54 -13.20 29.83 -8.77
C TYR B 54 -12.78 31.14 -8.12
N SER B 55 -12.88 31.20 -6.79
CA SER B 55 -12.53 32.41 -6.06
C SER B 55 -11.07 32.48 -5.66
N GLY B 56 -10.42 31.31 -5.63
CA GLY B 56 -9.02 31.21 -5.24
C GLY B 56 -8.78 31.22 -3.75
N VAL B 57 -9.84 31.23 -2.95
CA VAL B 57 -9.68 31.29 -1.50
C VAL B 57 -9.45 29.93 -0.84
N PRO B 58 -8.36 29.81 -0.05
CA PRO B 58 -8.04 28.56 0.64
C PRO B 58 -8.67 28.47 2.03
N THR B 59 -8.94 27.25 2.47
CA THR B 59 -9.49 27.02 3.79
C THR B 59 -8.63 25.96 4.41
N TYR B 60 -8.00 26.27 5.53
CA TYR B 60 -7.14 25.29 6.18
C TYR B 60 -7.72 24.67 7.43
N ALA B 61 -7.63 23.36 7.55
CA ALA B 61 -8.07 22.69 8.78
C ALA B 61 -7.08 23.22 9.85
N ASP B 62 -7.53 23.35 11.10
CA ASP B 62 -6.63 23.91 12.13
C ASP B 62 -5.26 23.31 12.26
N ASP B 63 -5.13 21.99 12.11
CA ASP B 63 -3.82 21.35 12.25
C ASP B 63 -2.90 21.68 11.09
N PHE B 64 -3.42 22.37 10.08
CA PHE B 64 -2.61 22.75 8.92
C PHE B 64 -2.63 24.23 8.64
N LYS B 65 -2.93 25.03 9.66
CA LYS B 65 -2.91 26.48 9.50
C LYS B 65 -1.52 26.88 9.97
N GLY B 66 -0.72 27.42 9.06
CA GLY B 66 0.61 27.83 9.43
C GLY B 66 1.65 27.57 8.36
N ARG B 67 2.24 26.38 8.41
CA ARG B 67 3.30 25.98 7.49
C ARG B 67 2.84 25.50 6.12
N PHE B 68 1.53 25.45 5.91
CA PHE B 68 0.96 24.93 4.67
C PHE B 68 0.28 26.02 3.86
N ALA B 69 0.38 25.91 2.54
CA ALA B 69 -0.26 26.88 1.67
C ALA B 69 -0.84 26.20 0.42
N PHE B 70 -2.09 26.52 0.11
CA PHE B 70 -2.70 26.01 -1.11
C PHE B 70 -2.77 27.17 -2.08
N SER B 71 -2.43 26.93 -3.33
CA SER B 71 -2.50 27.97 -4.33
C SER B 71 -2.93 27.34 -5.63
N LEU B 72 -3.11 28.19 -6.64
CA LEU B 72 -3.58 27.72 -7.92
C LEU B 72 -2.86 28.38 -9.09
N GLU B 73 -2.95 27.74 -10.25
CA GLU B 73 -2.49 28.30 -11.52
C GLU B 73 -3.58 27.80 -12.43
N THR B 74 -4.67 28.56 -12.52
CA THR B 74 -5.82 28.14 -13.30
C THR B 74 -5.59 27.94 -14.81
N SER B 75 -4.70 28.74 -15.38
CA SER B 75 -4.39 28.64 -16.80
C SER B 75 -3.81 27.26 -17.09
N ALA B 76 -3.21 26.65 -16.07
CA ALA B 76 -2.60 25.32 -16.24
C ALA B 76 -3.42 24.25 -15.50
N SER B 77 -4.64 24.61 -15.11
CA SER B 77 -5.54 23.71 -14.39
C SER B 77 -4.77 22.96 -13.29
N THR B 78 -3.97 23.71 -12.55
CA THR B 78 -3.16 23.08 -11.50
C THR B 78 -3.36 23.67 -10.12
N ALA B 79 -3.44 22.79 -9.11
CA ALA B 79 -3.55 23.18 -7.71
C ALA B 79 -2.18 22.81 -7.11
N TYR B 80 -1.66 23.67 -6.24
CA TYR B 80 -0.39 23.43 -5.56
C TYR B 80 -0.53 23.35 -4.06
N LEU B 81 0.32 22.52 -3.46
CA LEU B 81 0.34 22.39 -2.01
C LEU B 81 1.81 22.63 -1.65
N GLN B 82 2.06 23.66 -0.86
CA GLN B 82 3.42 23.94 -0.44
C GLN B 82 3.49 23.72 1.06
N ILE B 83 4.54 23.05 1.51
CA ILE B 83 4.71 22.80 2.93
C ILE B 83 6.06 23.40 3.29
N ASN B 84 6.07 24.36 4.21
CA ASN B 84 7.30 25.01 4.65
C ASN B 84 7.82 24.39 5.96
N ASN B 85 9.13 24.56 6.20
CA ASN B 85 9.80 24.08 7.43
C ASN B 85 9.33 22.66 7.75
N LEU B 86 9.60 21.76 6.82
CA LEU B 86 9.16 20.37 6.93
C LEU B 86 9.58 19.70 8.19
N LYS B 87 8.70 18.82 8.65
CA LYS B 87 8.92 18.02 9.84
C LYS B 87 8.87 16.54 9.51
N ASN B 88 9.55 15.75 10.32
CA ASN B 88 9.57 14.29 10.15
C ASN B 88 8.13 13.77 9.98
N GLU B 89 7.24 14.30 10.81
CA GLU B 89 5.84 13.91 10.83
C GLU B 89 5.04 14.30 9.60
N ASP B 90 5.61 15.14 8.73
CA ASP B 90 4.94 15.47 7.47
C ASP B 90 5.12 14.29 6.49
N THR B 91 5.90 13.28 6.86
CA THR B 91 6.10 12.12 5.98
C THR B 91 4.73 11.46 5.72
N ALA B 92 4.30 11.43 4.47
CA ALA B 92 2.97 10.89 4.17
C ALA B 92 2.72 10.90 2.67
N THR B 93 1.58 10.33 2.28
CA THR B 93 1.20 10.40 0.88
C THR B 93 0.14 11.49 0.88
N TYR B 94 0.29 12.46 0.00
CA TYR B 94 -0.66 13.55 -0.10
C TYR B 94 -1.48 13.41 -1.38
N PHE B 95 -2.80 13.52 -1.23
CA PHE B 95 -3.72 13.43 -2.37
C PHE B 95 -4.47 14.72 -2.57
N CYS B 96 -4.72 15.11 -3.82
CA CYS B 96 -5.65 16.22 -4.03
C CYS B 96 -6.90 15.39 -4.44
N ALA B 97 -8.10 15.92 -4.24
CA ALA B 97 -9.31 15.24 -4.65
C ALA B 97 -10.29 16.37 -4.90
N ARG B 98 -11.06 16.27 -5.97
CA ARG B 98 -12.04 17.31 -6.26
C ARG B 98 -13.33 16.95 -5.56
N ARG B 99 -14.10 17.97 -5.20
CA ARG B 99 -15.33 17.66 -4.49
C ARG B 99 -16.51 18.55 -4.85
N SER B 100 -17.62 17.91 -5.23
CA SER B 100 -18.90 18.61 -5.47
C SER B 100 -19.68 18.24 -4.21
N TRP B 101 -20.32 17.07 -4.17
CA TRP B 101 -21.04 16.60 -2.96
C TRP B 101 -20.37 15.28 -2.52
N TYR B 102 -19.16 15.06 -3.03
CA TYR B 102 -18.39 13.83 -2.75
C TYR B 102 -17.05 13.95 -3.50
N PHE B 103 -16.09 13.08 -3.18
CA PHE B 103 -14.80 13.11 -3.88
C PHE B 103 -14.91 12.07 -4.98
N ASP B 104 -15.42 12.43 -6.14
CA ASP B 104 -15.54 11.44 -7.18
C ASP B 104 -14.25 11.16 -7.92
N VAL B 105 -13.32 12.10 -7.89
CA VAL B 105 -12.02 11.95 -8.53
C VAL B 105 -10.87 12.32 -7.60
N TRP B 106 -9.97 11.35 -7.39
CA TRP B 106 -8.82 11.49 -6.52
C TRP B 106 -7.56 11.51 -7.35
N GLY B 107 -6.58 12.28 -6.87
CA GLY B 107 -5.31 12.39 -7.56
C GLY B 107 -4.54 11.10 -7.36
N THR B 108 -3.41 11.04 -8.02
CA THR B 108 -2.57 9.87 -7.98
C THR B 108 -1.76 9.76 -6.70
N GLY B 109 -1.78 10.82 -5.89
CA GLY B 109 -1.00 10.82 -4.65
C GLY B 109 0.47 11.14 -4.85
N THR B 110 1.05 11.85 -3.90
CA THR B 110 2.47 12.21 -3.96
C THR B 110 3.05 11.82 -2.61
N THR B 111 4.04 10.93 -2.61
CA THR B 111 4.63 10.59 -1.32
C THR B 111 5.77 11.54 -1.00
N VAL B 112 5.72 12.10 0.21
CA VAL B 112 6.76 13.02 0.68
C VAL B 112 7.39 12.31 1.86
N THR B 113 8.71 12.12 1.80
CA THR B 113 9.43 11.48 2.90
C THR B 113 10.35 12.57 3.48
N VAL B 114 10.33 12.72 4.81
CA VAL B 114 11.14 13.76 5.47
C VAL B 114 12.02 13.05 6.48
N SER B 115 13.34 13.10 6.29
CA SER B 115 14.25 12.40 7.20
C SER B 115 15.59 13.11 7.31
N SER B 116 16.18 13.04 8.50
CA SER B 116 17.49 13.63 8.76
C SER B 116 18.54 12.53 8.72
N ALA B 117 18.10 11.29 8.63
CA ALA B 117 19.03 10.15 8.60
C ALA B 117 19.80 10.05 7.30
N LYS B 118 20.94 9.36 7.38
CA LYS B 118 21.80 9.20 6.22
C LYS B 118 21.17 8.28 5.18
N THR B 119 21.05 8.74 3.94
CA THR B 119 20.50 7.90 2.89
C THR B 119 21.55 6.86 2.57
N THR B 120 21.14 5.62 2.38
CA THR B 120 22.05 4.52 2.12
C THR B 120 21.42 3.70 0.99
N PRO B 121 22.13 3.51 -0.13
CA PRO B 121 21.54 2.73 -1.20
C PRO B 121 21.48 1.23 -0.91
N PRO B 122 20.62 0.50 -1.64
CA PRO B 122 20.40 -0.93 -1.50
C PRO B 122 21.45 -1.86 -2.09
N SER B 123 21.72 -2.94 -1.36
CA SER B 123 22.57 -4.03 -1.84
C SER B 123 21.50 -4.95 -2.43
N VAL B 124 21.67 -5.37 -3.68
CA VAL B 124 20.66 -6.21 -4.29
C VAL B 124 21.28 -7.55 -4.60
N TYR B 125 20.67 -8.60 -4.06
CA TYR B 125 21.17 -9.94 -4.22
C TYR B 125 20.24 -10.83 -5.02
N PRO B 126 20.81 -11.55 -6.00
CA PRO B 126 20.05 -12.46 -6.84
C PRO B 126 19.67 -13.73 -6.07
N LEU B 127 18.44 -14.19 -6.28
CA LEU B 127 17.96 -15.42 -5.67
C LEU B 127 17.70 -16.44 -6.80
N ALA B 128 18.63 -17.36 -6.99
CA ALA B 128 18.53 -18.40 -8.02
C ALA B 128 18.47 -19.76 -7.32
N PRO B 129 17.75 -20.74 -7.89
CA PRO B 129 17.67 -22.05 -7.22
C PRO B 129 18.98 -22.83 -6.97
N SER B 137 7.77 -27.48 -13.92
CA SER B 137 6.95 -26.78 -14.91
C SER B 137 7.00 -25.26 -14.71
N MET B 138 7.14 -24.83 -13.46
CA MET B 138 7.21 -23.42 -13.14
C MET B 138 8.46 -23.25 -12.29
N VAL B 139 9.13 -22.11 -12.43
CA VAL B 139 10.34 -21.86 -11.64
C VAL B 139 10.16 -20.51 -10.96
N THR B 140 10.55 -20.45 -9.68
CA THR B 140 10.43 -19.18 -8.97
C THR B 140 11.84 -18.66 -8.77
N LEU B 141 12.00 -17.36 -8.99
CA LEU B 141 13.29 -16.64 -8.85
C LEU B 141 13.01 -15.45 -7.97
N GLY B 142 14.04 -14.72 -7.58
CA GLY B 142 13.77 -13.54 -6.77
C GLY B 142 14.98 -12.65 -6.60
N CYS B 143 14.77 -11.55 -5.85
CA CYS B 143 15.86 -10.64 -5.50
C CYS B 143 15.66 -10.29 -4.04
N LEU B 144 16.77 -10.24 -3.31
CA LEU B 144 16.78 -9.88 -1.91
C LEU B 144 17.43 -8.49 -1.89
N VAL B 145 16.78 -7.54 -1.24
CA VAL B 145 17.26 -6.16 -1.23
C VAL B 145 17.53 -5.81 0.23
N LYS B 146 18.78 -5.46 0.54
CA LYS B 146 19.12 -5.16 1.92
C LYS B 146 19.94 -3.92 2.13
N GLY B 147 19.91 -3.48 3.39
CA GLY B 147 20.71 -2.36 3.84
C GLY B 147 20.45 -0.97 3.29
N TYR B 148 19.23 -0.67 2.88
CA TYR B 148 18.95 0.64 2.34
C TYR B 148 18.11 1.50 3.30
N PHE B 149 18.16 2.81 3.05
CA PHE B 149 17.39 3.74 3.87
C PHE B 149 17.37 5.08 3.16
N PRO B 150 16.22 5.77 3.16
CA PRO B 150 14.94 5.37 3.78
C PRO B 150 14.10 4.64 2.74
N GLU B 151 12.86 4.34 3.10
CA GLU B 151 11.93 3.72 2.15
C GLU B 151 11.54 4.91 1.23
N PRO B 152 11.02 4.63 0.03
CA PRO B 152 10.78 3.32 -0.57
C PRO B 152 11.76 2.87 -1.62
N VAL B 153 11.67 1.59 -1.94
CA VAL B 153 12.43 0.98 -3.02
C VAL B 153 11.31 0.48 -3.96
N THR B 154 11.51 0.54 -5.27
CA THR B 154 10.52 0.06 -6.23
C THR B 154 11.15 -1.10 -6.94
N VAL B 155 10.43 -2.21 -7.06
CA VAL B 155 11.03 -3.35 -7.72
C VAL B 155 10.23 -3.70 -8.96
N THR B 156 10.90 -3.92 -10.06
CA THR B 156 10.21 -4.36 -11.26
C THR B 156 11.01 -5.54 -11.79
N TRP B 157 10.42 -6.29 -12.72
CA TRP B 157 11.10 -7.42 -13.34
C TRP B 157 11.10 -7.13 -14.82
N ASN B 158 12.27 -7.22 -15.44
CA ASN B 158 12.45 -6.93 -16.86
C ASN B 158 11.90 -5.56 -17.21
N SER B 159 12.23 -4.60 -16.36
CA SER B 159 11.83 -3.23 -16.52
C SER B 159 10.31 -3.03 -16.62
N GLY B 160 9.58 -3.95 -16.01
CA GLY B 160 8.13 -3.88 -15.94
C GLY B 160 7.38 -4.78 -16.89
N SER B 161 8.08 -5.38 -17.84
CA SER B 161 7.39 -6.23 -18.80
C SER B 161 7.01 -7.59 -18.20
N LEU B 162 7.58 -7.92 -17.05
CA LEU B 162 7.23 -9.17 -16.39
C LEU B 162 6.44 -8.73 -15.18
N SER B 163 5.12 -8.86 -15.23
CA SER B 163 4.27 -8.40 -14.13
C SER B 163 3.47 -9.52 -13.48
N SER B 164 3.18 -10.56 -14.24
CA SER B 164 2.40 -11.66 -13.70
C SER B 164 3.26 -12.54 -12.79
N GLY B 165 2.61 -13.20 -11.83
CA GLY B 165 3.38 -14.08 -10.96
C GLY B 165 4.45 -13.42 -10.11
N VAL B 166 4.29 -12.13 -9.85
CA VAL B 166 5.27 -11.40 -9.03
C VAL B 166 4.72 -11.17 -7.62
N HIS B 167 5.60 -11.30 -6.62
CA HIS B 167 5.22 -11.04 -5.26
C HIS B 167 6.33 -10.15 -4.69
N THR B 168 6.04 -8.89 -4.40
CA THR B 168 7.06 -8.03 -3.81
C THR B 168 6.60 -7.78 -2.37
N PHE B 169 7.46 -8.14 -1.43
CA PHE B 169 7.12 -8.07 -0.03
C PHE B 169 7.37 -6.77 0.64
N PRO B 170 6.49 -6.41 1.58
CA PRO B 170 6.68 -5.14 2.28
C PRO B 170 8.04 -5.11 3.00
N ALA B 171 8.66 -3.93 3.03
CA ALA B 171 9.95 -3.79 3.69
C ALA B 171 9.83 -3.88 5.19
N VAL B 172 10.90 -4.34 5.83
CA VAL B 172 10.99 -4.46 7.28
C VAL B 172 12.28 -3.78 7.71
N LEU B 173 12.17 -2.85 8.64
CA LEU B 173 13.34 -2.15 9.12
C LEU B 173 13.91 -2.85 10.32
N GLN B 174 15.23 -3.10 10.32
CA GLN B 174 15.90 -3.73 11.46
C GLN B 174 17.27 -3.05 11.66
N SER B 175 18.09 -3.57 12.57
CA SER B 175 19.44 -3.04 12.85
C SER B 175 20.20 -2.88 11.54
N ASP B 176 19.98 -3.82 10.62
CA ASP B 176 20.66 -3.90 9.36
C ASP B 176 20.02 -2.98 8.32
N LEU B 177 19.10 -2.08 8.82
CA LEU B 177 18.26 -1.10 8.10
C LEU B 177 17.23 -1.89 7.27
N TYR B 178 16.52 -1.37 6.27
CA TYR B 178 15.49 -2.02 5.50
C TYR B 178 15.90 -3.22 4.68
N THR B 179 14.99 -4.19 4.70
CA THR B 179 15.17 -5.40 3.93
C THR B 179 13.85 -5.71 3.24
N LEU B 180 13.91 -6.01 1.95
CA LEU B 180 12.70 -6.46 1.27
C LEU B 180 13.12 -7.51 0.24
N SER B 181 12.15 -8.24 -0.28
CA SER B 181 12.44 -9.27 -1.25
C SER B 181 11.28 -9.29 -2.24
N SER B 182 11.55 -9.86 -3.40
CA SER B 182 10.53 -9.97 -4.43
C SER B 182 10.79 -11.29 -5.15
N SER B 183 9.71 -12.03 -5.44
CA SER B 183 9.83 -13.29 -6.20
C SER B 183 9.05 -13.16 -7.53
N VAL B 184 9.49 -13.90 -8.53
CA VAL B 184 8.76 -13.92 -9.80
C VAL B 184 8.73 -15.38 -10.21
N THR B 185 7.61 -15.81 -10.78
CA THR B 185 7.50 -17.21 -11.17
C THR B 185 7.19 -17.24 -12.68
N VAL B 186 7.98 -18.01 -13.43
CA VAL B 186 7.79 -18.09 -14.88
C VAL B 186 7.87 -19.54 -15.32
N PRO B 187 7.38 -19.84 -16.54
CA PRO B 187 7.47 -21.24 -16.98
C PRO B 187 8.92 -21.71 -16.96
N SER B 188 9.14 -22.91 -16.44
CA SER B 188 10.49 -23.43 -16.30
C SER B 188 11.23 -23.50 -17.63
N SER B 189 10.49 -23.74 -18.69
CA SER B 189 11.13 -23.87 -19.97
C SER B 189 11.60 -22.54 -20.54
N THR B 190 11.26 -21.43 -19.88
CA THR B 190 11.63 -20.11 -20.40
C THR B 190 12.78 -19.43 -19.67
N TRP B 191 13.35 -20.12 -18.69
CA TRP B 191 14.48 -19.57 -17.94
C TRP B 191 15.52 -20.70 -17.83
N PRO B 192 16.81 -20.40 -18.07
CA PRO B 192 17.37 -19.09 -18.41
C PRO B 192 17.30 -18.60 -19.85
N SER B 193 16.62 -19.33 -20.73
CA SER B 193 16.57 -18.91 -22.14
C SER B 193 16.01 -17.54 -22.42
N GLN B 194 14.98 -17.14 -21.69
CA GLN B 194 14.42 -15.78 -21.86
C GLN B 194 14.74 -15.13 -20.53
N THR B 195 15.71 -14.22 -20.56
CA THR B 195 16.23 -13.61 -19.34
C THR B 195 15.22 -12.96 -18.39
N VAL B 196 15.57 -13.00 -17.11
CA VAL B 196 14.73 -12.45 -16.05
C VAL B 196 15.64 -11.60 -15.19
N THR B 197 15.33 -10.32 -15.12
CA THR B 197 16.15 -9.37 -14.37
C THR B 197 15.32 -8.56 -13.41
N CYS B 198 15.77 -8.42 -12.17
CA CYS B 198 15.01 -7.55 -11.27
C CYS B 198 15.65 -6.14 -11.31
N ASN B 199 14.84 -5.10 -11.29
CA ASN B 199 15.35 -3.72 -11.30
C ASN B 199 14.90 -3.18 -9.98
N VAL B 200 15.86 -2.77 -9.13
CA VAL B 200 15.52 -2.25 -7.83
C VAL B 200 15.88 -0.78 -7.82
N ALA B 201 14.86 0.07 -7.78
CA ALA B 201 15.01 1.51 -7.79
C ALA B 201 14.91 2.12 -6.38
N HIS B 202 15.85 3.02 -6.05
CA HIS B 202 15.83 3.69 -4.75
C HIS B 202 16.01 5.18 -5.04
N PRO B 203 14.90 5.90 -5.26
CA PRO B 203 14.92 7.33 -5.56
C PRO B 203 15.74 8.13 -4.55
N ALA B 204 15.62 7.78 -3.29
CA ALA B 204 16.34 8.51 -2.25
C ALA B 204 17.84 8.58 -2.52
N SER B 205 18.45 7.47 -2.94
CA SER B 205 19.88 7.46 -3.23
C SER B 205 20.20 7.66 -4.72
N SER B 206 19.18 7.98 -5.50
CA SER B 206 19.34 8.20 -6.94
C SER B 206 20.03 7.00 -7.55
N THR B 207 19.65 5.82 -7.09
CA THR B 207 20.26 4.57 -7.55
C THR B 207 19.24 3.53 -8.04
N LYS B 208 19.62 2.78 -9.07
CA LYS B 208 18.81 1.67 -9.55
C LYS B 208 19.84 0.58 -9.85
N VAL B 209 19.53 -0.63 -9.40
CA VAL B 209 20.42 -1.77 -9.61
C VAL B 209 19.61 -2.81 -10.34
N ASP B 210 20.19 -3.35 -11.40
CA ASP B 210 19.51 -4.35 -12.23
C ASP B 210 20.30 -5.63 -12.12
N LYS B 211 19.69 -6.65 -11.54
CA LYS B 211 20.37 -7.92 -11.41
C LYS B 211 19.69 -8.98 -12.28
N LYS B 212 20.43 -9.54 -13.24
CA LYS B 212 19.88 -10.60 -14.08
C LYS B 212 20.06 -11.92 -13.30
N ILE B 213 19.02 -12.74 -13.22
CA ILE B 213 19.12 -13.97 -12.44
C ILE B 213 19.63 -15.08 -13.32
N VAL B 214 20.74 -15.67 -12.91
CA VAL B 214 21.28 -16.75 -13.71
C VAL B 214 21.44 -18.00 -12.87
N PRO B 215 21.45 -19.15 -13.53
CA PRO B 215 21.58 -20.43 -12.82
C PRO B 215 22.87 -20.49 -12.04
N ARG B 216 22.81 -21.10 -10.86
CA ARG B 216 24.01 -21.24 -10.05
C ARG B 216 25.00 -22.19 -10.70
N DVA C 1 -19.73 21.44 -11.55
CA DVA C 1 -21.16 21.58 -11.15
CB DVA C 1 -21.83 20.18 -11.15
CG1 DVA C 1 -21.88 19.62 -12.57
CG2 DVA C 1 -21.03 19.25 -10.25
C DVA C 1 -21.85 22.63 -12.04
O DVA C 1 -21.16 23.43 -12.68
N DPR C 2 -23.21 22.68 -12.09
CA DPR C 2 -24.29 21.93 -11.43
CB DPR C 2 -25.51 22.28 -12.28
CG DPR C 2 -25.25 23.71 -12.59
CD DPR C 2 -23.78 23.71 -12.99
C DPR C 2 -24.45 22.38 -9.99
O DPR C 2 -25.55 22.38 -9.43
N GLY C 3 -23.34 22.78 -9.40
CA GLY C 3 -23.34 23.24 -8.03
C GLY C 3 -22.05 22.78 -7.40
N DSN C 4 -21.89 23.08 -6.12
CA DSN C 4 -20.69 22.69 -5.39
C DSN C 4 -20.15 23.94 -4.72
O DSN C 4 -20.90 24.73 -4.17
CB DSN C 4 -21.04 21.70 -4.29
OG DSN C 4 -19.92 21.51 -3.44
N DGN C 5 -18.84 24.11 -4.74
CA DGN C 5 -18.27 25.27 -4.07
C DGN C 5 -18.39 25.13 -2.56
O DGN C 5 -18.23 26.10 -1.82
CB DGN C 5 -16.80 25.42 -4.48
CG DGN C 5 -16.67 25.76 -5.99
CD DGN C 5 -15.23 25.78 -6.51
OE1 DGN C 5 -14.98 26.01 -7.71
NE2 DGN C 5 -14.28 25.54 -5.63
N DHI C 6 -18.66 23.90 -2.10
CA DHI C 6 -18.76 23.62 -0.65
C DHI C 6 -20.14 23.79 -0.09
O DHI C 6 -20.29 24.06 1.10
CB DHI C 6 -18.39 22.18 -0.32
CG DHI C 6 -16.93 21.84 -0.51
ND1 DHI C 6 -15.98 22.14 0.45
CD2 DHI C 6 -16.29 21.22 -1.52
CE1 DHI C 6 -14.79 21.72 0.03
NE2 DHI C 6 -14.95 21.16 -1.17
N DTY C 7 -21.13 23.58 -0.95
CA DTY C 7 -22.52 23.56 -0.47
C DTY C 7 -23.47 24.53 -1.18
O DTY C 7 -24.58 24.74 -0.71
CB DTY C 7 -23.05 22.13 -0.60
CG DTY C 7 -22.13 21.11 0.05
CD1 DTY C 7 -21.88 21.14 1.43
CD2 DTY C 7 -21.49 20.13 -0.71
CE1 DTY C 7 -21.00 20.22 2.04
CE2 DTY C 7 -20.62 19.20 -0.11
CZ DTY C 7 -20.37 19.25 1.25
OH DTY C 7 -19.53 18.32 1.82
N DAS C 8 -23.02 25.09 -2.30
CA DAS C 8 -23.82 26.04 -3.08
C DAS C 8 -23.20 27.43 -3.19
O DAS C 8 -22.10 27.69 -2.69
CB DAS C 8 -24.04 25.52 -4.50
CG DAS C 8 -24.67 24.15 -4.53
OD1 DAS C 8 -25.59 23.89 -3.72
OD2 DAS C 8 -24.25 23.33 -5.38
N DSN C 9 -23.95 28.29 -3.89
CA DSN C 9 -23.60 29.68 -4.19
C DSN C 9 -24.25 30.70 -3.25
O DSN C 9 -23.52 31.32 -2.47
OXT DSN C 9 -25.49 30.84 -3.34
CB DSN C 9 -22.09 29.89 -4.23
OG DSN C 9 -21.76 31.20 -4.70
C1 CIT D . -30.45 12.87 -4.13
O1 CIT D . -30.25 11.65 -4.21
O2 CIT D . -31.11 13.32 -3.16
C2 CIT D . -29.89 13.82 -5.20
C3 CIT D . -28.33 13.88 -5.22
O7 CIT D . -27.69 14.13 -6.47
C4 CIT D . -28.44 15.40 -4.81
C5 CIT D . -27.16 16.29 -4.86
O3 CIT D . -27.16 17.39 -4.28
O4 CIT D . -26.14 15.91 -5.46
C6 CIT D . -27.43 13.39 -4.07
O5 CIT D . -27.81 12.48 -3.31
O6 CIT D . -26.26 13.81 -3.95
C1 CIT E . -22.68 25.83 6.26
O1 CIT E . -22.96 26.21 5.10
O2 CIT E . -23.59 25.52 7.05
C2 CIT E . -21.21 25.82 6.73
C3 CIT E . -20.79 24.46 7.33
O7 CIT E . -20.08 23.56 6.47
C4 CIT E . -19.50 25.10 7.94
C5 CIT E . -18.68 24.22 8.93
O3 CIT E . -18.38 23.05 8.63
O4 CIT E . -18.29 24.70 10.02
C6 CIT E . -21.38 23.90 8.64
O5 CIT E . -22.04 24.63 9.40
O6 CIT E . -21.18 22.70 8.94
#